data_9MR1
#
_entry.id   9MR1
#
_cell.length_a   1.00
_cell.length_b   1.00
_cell.length_c   1.00
_cell.angle_alpha   90.00
_cell.angle_beta   90.00
_cell.angle_gamma   90.00
#
_symmetry.space_group_name_H-M   'P 1'
#
loop_
_entity.id
_entity.type
_entity.pdbx_description
1 polymer 'R125-61 Fab Heavy chain'
2 polymer 'R125-61 Fab Light chain'
3 polymer 'Spike protein S2'
4 non-polymer 2-acetamido-2-deoxy-beta-D-glucopyranose
#
loop_
_entity_poly.entity_id
_entity_poly.type
_entity_poly.pdbx_seq_one_letter_code
_entity_poly.pdbx_strand_id
1 'polypeptide(L)'
;QVQLQESGPGLVKPSETLSLICTVSGGSITRDFWSWVRQPPGKGLEWIGYGYYRGSTNYNPSLESRVTISVDTSKNQFSL
KLTSVTAADTAVYYCARETAHNWIDTWGQGILVTVSS
;
A
2 'polypeptide(L)'
;DIVMTQSPESLALSLGERATINCKSSQTVSFTSNNKNYLAWYQQKPRQPPKLLFYWASTRHSGVPDRFSGSGSGTDFTLT
INSLQAEDVAVYFCHQYFSTPWTFGQGTKVEI
;
B
3 'polypeptide(L)'
;SLGAENSVAYSNNSIAIPTNFTISVTTEILPVSMTKTSVDCTMYICGDSTECSNLLLQYGSFCTQLNRALTGIAVEQDKN
TQEVFAQVKQIYKTPPIKDFGGFNFSQILPDPSKPSKRSPIEDLLFNKVTLADAGFIKQYGDCLGDIAARDLICAQKFNG
LTVLPPLLTDEMIAQYTSALLACTITSGWTCGAGPALQIPFPMQMAYRFNGIGVPQNVLYENQKLIANQFNSAIGKIQDS
LSSTPSALGKLQDVVNQNAQALNTLVKQLSSNFGAISSVLNDILSRLDPPEAEVQIDRLITGRLQSLQTYVTQQLIRAAE
IRASANLAATKMSECVLGQSKRVDFCGKGYHLMSFPQSAPHGVVFLHVTYVPAQEKNFTTAPAICHDGKAHFPREGVFVS
NGTHWFVTQRNFYEPQIITCDNTFVSGNCDVVIGIVNNTVYCPLQPELDSFKEELDKYFKNHTSGSHHHHHHHH
;
C
#
loop_
_chem_comp.id
_chem_comp.type
_chem_comp.name
_chem_comp.formula
NAG D-saccharide, beta linking 2-acetamido-2-deoxy-beta-D-glucopyranose 'C8 H15 N O6'
#
# COMPACT_ATOMS: atom_id res chain seq x y z
N GLN A 1 -8.34 -36.92 -9.67
CA GLN A 1 -9.70 -36.63 -10.15
C GLN A 1 -10.62 -36.30 -8.99
N VAL A 2 -10.94 -35.02 -8.84
CA VAL A 2 -11.80 -34.53 -7.78
C VAL A 2 -13.09 -34.01 -8.40
N GLN A 3 -14.22 -34.52 -7.95
CA GLN A 3 -15.53 -34.12 -8.45
C GLN A 3 -16.35 -33.55 -7.31
N LEU A 4 -17.10 -32.50 -7.59
CA LEU A 4 -17.96 -31.87 -6.60
C LEU A 4 -19.39 -31.83 -7.13
N GLN A 5 -20.34 -32.29 -6.31
CA GLN A 5 -21.74 -32.34 -6.69
C GLN A 5 -22.57 -31.59 -5.66
N GLU A 6 -23.43 -30.69 -6.14
CA GLU A 6 -24.27 -29.89 -5.25
C GLU A 6 -25.59 -30.59 -4.99
N SER A 7 -26.20 -30.25 -3.86
CA SER A 7 -27.52 -30.76 -3.51
C SER A 7 -28.21 -29.77 -2.60
N GLY A 8 -29.53 -29.80 -2.63
CA GLY A 8 -30.33 -28.90 -1.82
C GLY A 8 -31.65 -28.57 -2.48
N PRO A 9 -32.50 -27.82 -1.78
CA PRO A 9 -33.79 -27.44 -2.36
C PRO A 9 -33.62 -26.41 -3.45
N GLY A 10 -34.29 -26.65 -4.58
CA GLY A 10 -34.25 -25.70 -5.69
C GLY A 10 -35.07 -24.44 -5.44
N LEU A 11 -36.03 -24.51 -4.52
CA LEU A 11 -36.86 -23.37 -4.16
C LEU A 11 -36.71 -23.10 -2.67
N VAL A 12 -36.38 -21.87 -2.31
CA VAL A 12 -36.23 -21.46 -0.92
C VAL A 12 -37.14 -20.28 -0.66
N LYS A 13 -37.86 -20.33 0.45
CA LYS A 13 -38.79 -19.25 0.79
C LYS A 13 -38.01 -17.98 1.13
N PRO A 14 -38.59 -16.82 0.84
CA PRO A 14 -37.92 -15.56 1.20
C PRO A 14 -37.73 -15.44 2.71
N SER A 15 -36.61 -14.84 3.11
CA SER A 15 -36.24 -14.67 4.51
C SER A 15 -36.17 -16.01 5.23
N GLU A 16 -35.69 -17.04 4.52
CA GLU A 16 -35.50 -18.36 5.08
C GLU A 16 -34.13 -18.88 4.68
N THR A 17 -33.52 -19.67 5.56
CA THR A 17 -32.16 -20.14 5.33
C THR A 17 -32.10 -21.02 4.10
N LEU A 18 -31.12 -20.74 3.24
CA LEU A 18 -30.85 -21.53 2.03
C LEU A 18 -29.69 -22.45 2.32
N SER A 19 -29.94 -23.76 2.30
CA SER A 19 -28.94 -24.77 2.62
C SER A 19 -28.55 -25.50 1.34
N LEU A 20 -27.27 -25.41 0.99
CA LEU A 20 -26.73 -26.11 -0.17
C LEU A 20 -25.52 -26.91 0.26
N ILE A 21 -25.57 -28.23 0.09
CA ILE A 21 -24.51 -29.12 0.54
C ILE A 21 -23.77 -29.64 -0.69
N CYS A 22 -22.46 -29.46 -0.70
CA CYS A 22 -21.62 -29.97 -1.78
C CYS A 22 -20.86 -31.20 -1.27
N THR A 23 -20.99 -32.29 -2.01
CA THR A 23 -20.33 -33.55 -1.71
C THR A 23 -19.15 -33.74 -2.65
N VAL A 24 -18.01 -34.12 -2.09
CA VAL A 24 -16.76 -34.28 -2.84
C VAL A 24 -16.51 -35.77 -3.03
N SER A 25 -16.40 -36.19 -4.28
CA SER A 25 -16.08 -37.56 -4.63
C SER A 25 -14.69 -37.60 -5.27
N GLY A 26 -13.82 -38.45 -4.74
CA GLY A 26 -12.45 -38.52 -5.19
C GLY A 26 -11.54 -37.56 -4.43
N GLY A 27 -10.25 -37.87 -4.46
CA GLY A 27 -9.28 -37.06 -3.72
C GLY A 27 -9.58 -37.10 -2.23
N SER A 28 -9.56 -35.93 -1.60
CA SER A 28 -9.85 -35.82 -0.18
C SER A 28 -10.40 -34.44 0.12
N ILE A 29 -11.09 -34.32 1.25
CA ILE A 29 -11.68 -33.05 1.67
C ILE A 29 -10.76 -32.27 2.60
N THR A 30 -9.85 -32.94 3.29
CA THR A 30 -8.89 -32.26 4.17
C THR A 30 -7.61 -31.93 3.42
N ARG A 31 -7.75 -31.29 2.27
CA ARG A 31 -6.57 -30.99 1.44
C ARG A 31 -6.49 -29.53 1.03
N ASP A 32 -7.61 -28.87 0.75
CA ASP A 32 -7.59 -27.51 0.24
C ASP A 32 -8.79 -26.74 0.78
N PHE A 33 -8.87 -25.46 0.43
CA PHE A 33 -9.97 -24.62 0.86
C PHE A 33 -11.18 -24.84 -0.03
N TRP A 34 -12.37 -24.55 0.47
CA TRP A 34 -13.61 -24.87 -0.23
C TRP A 34 -14.49 -23.63 -0.31
N SER A 35 -14.67 -23.12 -1.53
CA SER A 35 -15.45 -21.92 -1.79
C SER A 35 -16.81 -22.28 -2.33
N TRP A 36 -17.70 -21.28 -2.36
CA TRP A 36 -19.10 -21.45 -2.74
C TRP A 36 -19.53 -20.36 -3.71
N VAL A 37 -18.78 -20.22 -4.82
CA VAL A 37 -18.98 -19.08 -5.72
C VAL A 37 -20.41 -19.06 -6.25
N ARG A 38 -20.89 -17.86 -6.59
CA ARG A 38 -22.27 -17.65 -7.00
C ARG A 38 -22.32 -16.77 -8.25
N GLN A 39 -23.23 -17.11 -9.15
CA GLN A 39 -23.51 -16.29 -10.33
C GLN A 39 -24.98 -15.91 -10.35
N PRO A 40 -25.32 -14.63 -10.20
CA PRO A 40 -26.69 -14.20 -10.43
C PRO A 40 -27.03 -14.27 -11.92
N PRO A 41 -28.31 -14.35 -12.28
CA PRO A 41 -28.67 -14.42 -13.69
C PRO A 41 -28.31 -13.12 -14.41
N GLY A 42 -27.52 -13.25 -15.48
CA GLY A 42 -27.06 -12.10 -16.21
C GLY A 42 -26.10 -11.20 -15.44
N LYS A 43 -25.24 -11.80 -14.62
CA LYS A 43 -24.27 -11.03 -13.85
C LYS A 43 -22.99 -11.84 -13.71
N GLY A 44 -21.90 -11.15 -13.38
CA GLY A 44 -20.63 -11.82 -13.19
C GLY A 44 -20.62 -12.66 -11.93
N LEU A 45 -19.71 -13.63 -11.91
CA LEU A 45 -19.61 -14.54 -10.77
C LEU A 45 -19.20 -13.78 -9.52
N GLU A 46 -19.84 -14.14 -8.39
CA GLU A 46 -19.59 -13.51 -7.10
C GLU A 46 -19.02 -14.55 -6.16
N TRP A 47 -17.90 -14.22 -5.52
CA TRP A 47 -17.24 -15.12 -4.57
C TRP A 47 -17.85 -14.91 -3.20
N ILE A 48 -18.55 -15.94 -2.70
CA ILE A 48 -19.18 -15.84 -1.38
C ILE A 48 -18.20 -16.07 -0.24
N GLY A 49 -17.24 -16.98 -0.39
CA GLY A 49 -16.26 -17.23 0.64
C GLY A 49 -15.83 -18.69 0.67
N TYR A 50 -14.69 -18.91 1.30
CA TYR A 50 -14.10 -20.24 1.35
C TYR A 50 -13.94 -20.68 2.80
N GLY A 51 -14.33 -21.90 3.09
CA GLY A 51 -14.21 -22.50 4.40
C GLY A 51 -12.97 -23.36 4.52
N TYR A 52 -13.02 -24.30 5.46
CA TYR A 52 -11.91 -25.21 5.74
C TYR A 52 -12.40 -26.26 6.72
N TYR A 53 -11.82 -27.46 6.62
CA TYR A 53 -12.28 -28.56 7.46
C TYR A 53 -11.92 -28.34 8.93
N ARG A 54 -10.85 -27.60 9.20
CA ARG A 54 -10.44 -27.29 10.56
C ARG A 54 -11.42 -26.36 11.27
N GLY A 55 -12.37 -25.78 10.53
CA GLY A 55 -13.22 -24.74 11.06
C GLY A 55 -12.83 -23.35 10.61
N SER A 56 -11.67 -23.21 9.97
CA SER A 56 -11.26 -21.93 9.41
C SER A 56 -12.22 -21.52 8.31
N THR A 57 -12.38 -20.21 8.14
CA THR A 57 -13.42 -19.70 7.27
C THR A 57 -13.15 -18.24 6.93
N ASN A 58 -13.46 -17.86 5.69
CA ASN A 58 -13.32 -16.48 5.25
C ASN A 58 -14.48 -16.17 4.30
N TYR A 59 -15.41 -15.32 4.76
CA TYR A 59 -16.56 -14.87 3.98
C TYR A 59 -16.19 -13.76 3.02
N ASN A 60 -17.12 -13.47 2.11
CA ASN A 60 -17.07 -12.24 1.34
C ASN A 60 -17.41 -11.06 2.25
N PRO A 61 -16.71 -9.93 2.12
CA PRO A 61 -17.03 -8.77 2.98
C PRO A 61 -18.46 -8.28 2.83
N SER A 62 -19.03 -8.34 1.62
CA SER A 62 -20.39 -7.86 1.42
C SER A 62 -21.43 -8.78 2.05
N LEU A 63 -21.07 -10.03 2.31
CA LEU A 63 -21.99 -11.02 2.85
C LEU A 63 -21.44 -11.67 4.11
N GLU A 64 -20.62 -10.95 4.87
CA GLU A 64 -19.98 -11.55 6.04
C GLU A 64 -20.97 -11.78 7.18
N SER A 65 -22.00 -10.94 7.29
CA SER A 65 -22.93 -11.00 8.41
C SER A 65 -24.10 -11.95 8.19
N ARG A 66 -24.19 -12.57 7.02
CA ARG A 66 -25.31 -13.45 6.70
C ARG A 66 -24.91 -14.83 6.20
N VAL A 67 -23.70 -15.01 5.67
CA VAL A 67 -23.24 -16.29 5.17
C VAL A 67 -22.64 -17.08 6.32
N THR A 68 -22.89 -18.39 6.32
CA THR A 68 -22.17 -19.31 7.19
C THR A 68 -21.95 -20.62 6.45
N ILE A 69 -20.74 -21.17 6.60
CA ILE A 69 -20.31 -22.36 5.88
C ILE A 69 -19.67 -23.32 6.88
N SER A 70 -20.00 -24.61 6.74
CA SER A 70 -19.51 -25.63 7.67
C SER A 70 -19.06 -26.85 6.89
N VAL A 71 -17.84 -27.32 7.17
CA VAL A 71 -17.25 -28.45 6.46
C VAL A 71 -17.24 -29.65 7.40
N ASP A 72 -17.86 -30.75 6.98
CA ASP A 72 -17.91 -31.98 7.76
C ASP A 72 -17.04 -33.02 7.09
N THR A 73 -15.97 -33.44 7.79
CA THR A 73 -15.07 -34.44 7.26
C THR A 73 -15.65 -35.84 7.37
N SER A 74 -16.47 -36.11 8.40
CA SER A 74 -17.00 -37.45 8.60
C SER A 74 -17.87 -37.87 7.42
N LYS A 75 -18.72 -36.97 6.94
CA LYS A 75 -19.55 -37.24 5.77
C LYS A 75 -18.90 -36.79 4.47
N ASN A 76 -17.71 -36.19 4.54
CA ASN A 76 -16.98 -35.73 3.36
C ASN A 76 -17.81 -34.76 2.53
N GLN A 77 -18.28 -33.71 3.20
CA GLN A 77 -19.14 -32.72 2.57
C GLN A 77 -18.83 -31.34 3.13
N PHE A 78 -19.34 -30.31 2.47
CA PHE A 78 -19.31 -28.97 3.04
C PHE A 78 -20.55 -28.21 2.60
N SER A 79 -21.17 -27.51 3.54
CA SER A 79 -22.49 -26.93 3.35
C SER A 79 -22.45 -25.42 3.53
N LEU A 80 -23.22 -24.73 2.69
CA LEU A 80 -23.43 -23.30 2.76
C LEU A 80 -24.84 -23.03 3.28
N LYS A 81 -24.94 -22.20 4.30
CA LYS A 81 -26.23 -21.75 4.83
C LYS A 81 -26.30 -20.24 4.67
N LEU A 82 -27.05 -19.79 3.67
CA LEU A 82 -27.25 -18.36 3.44
C LEU A 82 -28.50 -17.92 4.18
N THR A 83 -28.34 -17.03 5.16
CA THR A 83 -29.45 -16.54 5.96
C THR A 83 -29.94 -15.20 5.43
N SER A 84 -31.18 -14.87 5.79
CA SER A 84 -31.85 -13.66 5.34
C SER A 84 -31.85 -13.56 3.81
N VAL A 85 -32.35 -14.62 3.18
CA VAL A 85 -32.38 -14.68 1.73
C VAL A 85 -33.44 -13.72 1.21
N THR A 86 -33.02 -12.70 0.47
CA THR A 86 -33.93 -11.74 -0.13
C THR A 86 -34.30 -12.19 -1.53
N ALA A 87 -34.96 -11.32 -2.29
CA ALA A 87 -35.35 -11.64 -3.65
C ALA A 87 -34.20 -11.57 -4.64
N ALA A 88 -33.07 -10.98 -4.26
CA ALA A 88 -31.93 -10.84 -5.15
C ALA A 88 -30.92 -11.97 -5.03
N ASP A 89 -31.19 -12.97 -4.20
CA ASP A 89 -30.30 -14.11 -4.02
C ASP A 89 -30.55 -15.22 -5.03
N THR A 90 -31.60 -15.11 -5.85
CA THR A 90 -31.85 -16.08 -6.91
C THR A 90 -30.64 -16.16 -7.83
N ALA A 91 -29.97 -17.30 -7.87
CA ALA A 91 -28.71 -17.41 -8.59
C ALA A 91 -28.31 -18.87 -8.68
N VAL A 92 -27.22 -19.13 -9.40
CA VAL A 92 -26.65 -20.47 -9.53
C VAL A 92 -25.40 -20.52 -8.66
N TYR A 93 -25.18 -21.67 -8.03
CA TYR A 93 -24.12 -21.85 -7.05
C TYR A 93 -23.16 -22.93 -7.51
N TYR A 94 -21.87 -22.62 -7.48
CA TYR A 94 -20.80 -23.56 -7.81
C TYR A 94 -19.93 -23.74 -6.57
N CYS A 95 -19.91 -24.96 -6.03
CA CYS A 95 -18.97 -25.28 -4.97
C CYS A 95 -17.64 -25.62 -5.58
N ALA A 96 -16.59 -24.95 -5.13
CA ALA A 96 -15.29 -25.02 -5.78
C ALA A 96 -14.22 -25.41 -4.77
N ARG A 97 -13.17 -26.04 -5.26
CA ARG A 97 -12.03 -26.45 -4.43
C ARG A 97 -10.89 -25.47 -4.69
N GLU A 98 -10.83 -24.41 -3.89
CA GLU A 98 -9.75 -23.45 -4.01
C GLU A 98 -8.47 -24.06 -3.46
N THR A 99 -7.39 -23.97 -4.25
CA THR A 99 -6.13 -24.59 -3.90
C THR A 99 -5.40 -23.79 -2.83
N ALA A 100 -4.14 -24.17 -2.56
CA ALA A 100 -3.37 -23.51 -1.51
C ALA A 100 -3.22 -22.03 -1.77
N HIS A 101 -2.95 -21.65 -3.02
CA HIS A 101 -2.90 -20.25 -3.41
C HIS A 101 -4.26 -19.67 -3.73
N ASN A 102 -5.33 -20.46 -3.57
CA ASN A 102 -6.71 -19.98 -3.63
C ASN A 102 -7.16 -19.60 -5.03
N TRP A 103 -6.75 -20.37 -6.04
CA TRP A 103 -7.38 -20.34 -7.34
C TRP A 103 -8.18 -21.63 -7.52
N ILE A 104 -9.36 -21.52 -8.13
CA ILE A 104 -10.25 -22.66 -8.24
C ILE A 104 -9.67 -23.69 -9.20
N ASP A 105 -9.63 -24.95 -8.77
CA ASP A 105 -9.20 -26.05 -9.62
C ASP A 105 -10.40 -26.78 -10.23
N THR A 106 -11.32 -27.22 -9.39
CA THR A 106 -12.54 -27.88 -9.83
C THR A 106 -13.74 -27.03 -9.42
N TRP A 107 -14.68 -26.84 -10.34
CA TRP A 107 -15.77 -25.90 -10.15
C TRP A 107 -17.08 -26.55 -9.73
N GLY A 108 -17.35 -27.77 -10.16
CA GLY A 108 -18.59 -28.44 -9.78
C GLY A 108 -19.80 -27.93 -10.53
N GLN A 109 -20.74 -28.82 -10.82
CA GLN A 109 -21.95 -28.47 -11.56
C GLN A 109 -22.90 -27.73 -10.63
N GLY A 110 -22.98 -26.42 -10.77
CA GLY A 110 -23.76 -25.61 -9.85
C GLY A 110 -25.25 -25.88 -9.95
N ILE A 111 -25.96 -25.41 -8.92
CA ILE A 111 -27.40 -25.61 -8.81
C ILE A 111 -28.07 -24.24 -8.75
N LEU A 112 -29.22 -24.13 -9.41
CA LEU A 112 -29.96 -22.88 -9.45
C LEU A 112 -30.99 -22.84 -8.33
N VAL A 113 -31.01 -21.74 -7.58
CA VAL A 113 -31.98 -21.55 -6.52
C VAL A 113 -32.69 -20.22 -6.74
N THR A 114 -34.01 -20.23 -6.56
CA THR A 114 -34.84 -19.05 -6.75
C THR A 114 -35.80 -18.93 -5.58
N VAL A 115 -36.32 -17.72 -5.40
CA VAL A 115 -37.27 -17.41 -4.33
C VAL A 115 -38.59 -17.02 -4.97
N SER A 116 -39.68 -17.64 -4.52
CA SER A 116 -41.00 -17.37 -5.07
C SER A 116 -42.06 -17.80 -4.07
N SER A 117 -43.27 -17.31 -4.29
CA SER A 117 -44.43 -17.64 -3.46
C SER A 117 -44.21 -17.28 -1.98
N ASP B 1 -11.46 -4.11 -2.44
CA ASP B 1 -12.35 -4.51 -3.52
C ASP B 1 -11.75 -4.14 -4.87
N ILE B 2 -11.49 -5.14 -5.71
CA ILE B 2 -10.89 -4.94 -7.01
C ILE B 2 -11.95 -5.20 -8.07
N VAL B 3 -12.18 -4.21 -8.93
CA VAL B 3 -13.16 -4.31 -10.01
C VAL B 3 -12.45 -4.88 -11.23
N MET B 4 -12.96 -6.00 -11.74
CA MET B 4 -12.32 -6.73 -12.82
C MET B 4 -13.20 -6.65 -14.05
N THR B 5 -12.66 -6.11 -15.15
CA THR B 5 -13.45 -5.77 -16.32
C THR B 5 -12.96 -6.54 -17.54
N GLN B 6 -13.90 -6.99 -18.36
CA GLN B 6 -13.62 -7.67 -19.62
C GLN B 6 -13.99 -6.71 -20.76
N SER B 7 -13.02 -5.93 -21.21
CA SER B 7 -13.28 -4.97 -22.28
C SER B 7 -13.76 -5.64 -23.57
N PRO B 8 -13.13 -6.71 -24.06
CA PRO B 8 -13.73 -7.41 -25.22
C PRO B 8 -14.93 -8.23 -24.77
N GLU B 9 -16.06 -8.00 -25.43
CA GLU B 9 -17.32 -8.65 -25.07
C GLU B 9 -18.00 -9.18 -26.32
N SER B 10 -18.54 -10.40 -26.22
CA SER B 10 -19.28 -11.05 -27.31
C SER B 10 -18.42 -11.16 -28.57
N LEU B 11 -17.34 -11.91 -28.44
CA LEU B 11 -16.38 -12.06 -29.53
C LEU B 11 -16.91 -13.08 -30.54
N ALA B 12 -17.33 -12.60 -31.71
CA ALA B 12 -17.84 -13.43 -32.79
C ALA B 12 -16.69 -13.70 -33.75
N LEU B 13 -15.95 -14.77 -33.50
CA LEU B 13 -14.79 -15.14 -34.31
C LEU B 13 -15.07 -16.46 -35.03
N SER B 14 -14.66 -16.53 -36.29
CA SER B 14 -14.90 -17.73 -37.09
C SER B 14 -13.80 -18.76 -36.84
N LEU B 15 -13.91 -19.90 -37.51
CA LEU B 15 -12.92 -20.95 -37.36
C LEU B 15 -11.61 -20.57 -38.02
N GLY B 16 -10.50 -21.01 -37.43
CA GLY B 16 -9.19 -20.78 -38.01
C GLY B 16 -8.58 -19.43 -37.73
N GLU B 17 -9.23 -18.58 -36.95
CA GLU B 17 -8.69 -17.28 -36.62
C GLU B 17 -8.55 -17.12 -35.10
N ARG B 18 -8.01 -15.99 -34.68
CA ARG B 18 -7.61 -15.78 -33.29
C ARG B 18 -8.58 -14.85 -32.58
N ALA B 19 -8.92 -15.21 -31.34
CA ALA B 19 -9.76 -14.37 -30.49
C ALA B 19 -8.95 -13.91 -29.29
N THR B 20 -9.01 -12.62 -29.00
CA THR B 20 -8.26 -12.02 -27.91
C THR B 20 -9.23 -11.49 -26.86
N ILE B 21 -9.00 -11.87 -25.60
CA ILE B 21 -9.82 -11.44 -24.48
C ILE B 21 -8.91 -10.70 -23.50
N ASN B 22 -9.32 -9.49 -23.12
CA ASN B 22 -8.52 -8.63 -22.27
C ASN B 22 -9.21 -8.45 -20.91
N CYS B 23 -8.46 -8.68 -19.85
CA CYS B 23 -8.93 -8.47 -18.48
C CYS B 23 -8.17 -7.30 -17.88
N LYS B 24 -8.91 -6.33 -17.35
CA LYS B 24 -8.33 -5.14 -16.74
C LYS B 24 -8.72 -5.10 -15.26
N SER B 25 -7.73 -4.87 -14.41
CA SER B 25 -7.95 -4.79 -12.97
C SER B 25 -8.01 -3.33 -12.53
N SER B 26 -8.75 -3.09 -11.44
CA SER B 26 -8.85 -1.73 -10.91
C SER B 26 -7.48 -1.23 -10.44
N GLN B 27 -6.72 -2.10 -9.78
CA GLN B 27 -5.35 -1.78 -9.37
C GLN B 27 -4.49 -3.01 -9.60
N THR B 28 -3.26 -2.97 -9.10
CA THR B 28 -2.35 -4.09 -9.29
C THR B 28 -2.84 -5.34 -8.57
N VAL B 29 -2.53 -6.50 -9.15
CA VAL B 29 -2.95 -7.77 -8.59
C VAL B 29 -1.72 -8.65 -8.37
N SER B 30 -0.54 -8.04 -8.33
CA SER B 30 0.70 -8.78 -8.16
C SER B 30 1.56 -8.07 -7.11
N PHE B 31 2.20 -8.86 -6.25
CA PHE B 31 3.13 -8.31 -5.29
C PHE B 31 4.34 -7.71 -6.01
N THR B 32 4.74 -6.51 -5.59
CA THR B 32 5.88 -5.85 -6.21
C THR B 32 7.17 -6.64 -5.98
N SER B 33 7.35 -7.17 -4.78
CA SER B 33 8.57 -7.90 -4.45
C SER B 33 8.72 -9.16 -5.30
N ASN B 34 7.64 -9.91 -5.48
CA ASN B 34 7.70 -11.18 -6.19
C ASN B 34 7.43 -11.06 -7.69
N ASN B 35 6.69 -10.03 -8.10
CA ASN B 35 6.30 -9.85 -9.51
C ASN B 35 5.57 -11.09 -10.03
N LYS B 36 4.72 -11.67 -9.19
CA LYS B 36 3.95 -12.86 -9.53
C LYS B 36 2.49 -12.46 -9.64
N ASN B 37 1.90 -12.67 -10.81
CA ASN B 37 0.53 -12.23 -11.08
C ASN B 37 -0.45 -13.19 -10.42
N TYR B 38 -1.32 -12.64 -9.56
CA TYR B 38 -2.31 -13.45 -8.86
C TYR B 38 -3.65 -13.42 -9.61
N LEU B 39 -3.62 -13.86 -10.87
CA LEU B 39 -4.81 -13.90 -11.68
C LEU B 39 -4.90 -15.23 -12.42
N ALA B 40 -6.13 -15.70 -12.60
CA ALA B 40 -6.41 -16.96 -13.25
C ALA B 40 -7.47 -16.75 -14.32
N TRP B 41 -7.50 -17.68 -15.28
CA TRP B 41 -8.45 -17.65 -16.39
C TRP B 41 -9.23 -18.95 -16.41
N TYR B 42 -10.55 -18.84 -16.42
CA TYR B 42 -11.44 -19.99 -16.49
C TYR B 42 -12.34 -19.88 -17.71
N GLN B 43 -12.84 -21.04 -18.15
CA GLN B 43 -13.84 -21.10 -19.21
C GLN B 43 -15.02 -21.93 -18.72
N GLN B 44 -16.21 -21.54 -19.15
CA GLN B 44 -17.45 -22.19 -18.74
C GLN B 44 -18.23 -22.59 -19.99
N LYS B 45 -18.65 -23.83 -20.04
CA LYS B 45 -19.47 -24.32 -21.13
C LYS B 45 -20.94 -24.39 -20.69
N PRO B 46 -21.87 -24.19 -21.62
CA PRO B 46 -23.29 -24.29 -21.24
C PRO B 46 -23.63 -25.68 -20.73
N ARG B 47 -24.41 -25.71 -19.65
CA ARG B 47 -24.79 -26.96 -18.98
C ARG B 47 -23.56 -27.79 -18.62
N GLN B 48 -22.51 -27.11 -18.14
CA GLN B 48 -21.26 -27.78 -17.82
C GLN B 48 -20.52 -26.96 -16.78
N PRO B 49 -19.85 -27.59 -15.81
CA PRO B 49 -19.11 -26.82 -14.82
C PRO B 49 -17.93 -26.11 -15.46
N PRO B 50 -17.54 -24.95 -14.95
CA PRO B 50 -16.37 -24.26 -15.49
C PRO B 50 -15.09 -25.06 -15.23
N LYS B 51 -14.08 -24.77 -16.05
CA LYS B 51 -12.80 -25.47 -15.97
C LYS B 51 -11.69 -24.45 -15.77
N LEU B 52 -10.67 -24.85 -15.00
CA LEU B 52 -9.49 -24.01 -14.79
C LEU B 52 -8.59 -24.09 -16.01
N LEU B 53 -8.42 -22.97 -16.70
CA LEU B 53 -7.54 -22.93 -17.87
C LEU B 53 -6.14 -22.49 -17.47
N PHE B 54 -6.01 -21.31 -16.87
CA PHE B 54 -4.71 -20.76 -16.53
C PHE B 54 -4.71 -20.33 -15.07
N TYR B 55 -3.59 -20.56 -14.38
CA TYR B 55 -3.37 -19.98 -13.07
C TYR B 55 -2.04 -19.23 -13.07
N TRP B 56 -1.96 -18.21 -12.23
CA TRP B 56 -0.90 -17.21 -12.21
C TRP B 56 -0.90 -16.34 -13.47
N ALA B 57 -1.93 -16.48 -14.32
CA ALA B 57 -2.14 -15.70 -15.53
C ALA B 57 -1.15 -16.08 -16.63
N SER B 58 -0.17 -16.92 -16.31
CA SER B 58 0.76 -17.43 -17.30
C SER B 58 0.79 -18.95 -17.33
N THR B 59 0.90 -19.60 -16.18
CA THR B 59 1.05 -21.05 -16.13
C THR B 59 -0.24 -21.72 -16.57
N ARG B 60 -0.09 -22.84 -17.28
CA ARG B 60 -1.21 -23.58 -17.86
C ARG B 60 -1.59 -24.75 -16.96
N HIS B 61 -2.87 -25.12 -17.00
CA HIS B 61 -3.38 -26.24 -16.23
C HIS B 61 -3.19 -27.53 -17.03
N SER B 62 -3.77 -28.63 -16.55
CA SER B 62 -3.66 -29.92 -17.18
C SER B 62 -4.89 -30.14 -18.07
N GLY B 63 -4.65 -30.55 -19.31
CA GLY B 63 -5.71 -30.76 -20.28
C GLY B 63 -6.03 -29.56 -21.14
N VAL B 64 -5.33 -28.45 -20.96
CA VAL B 64 -5.56 -27.25 -21.75
C VAL B 64 -4.70 -27.34 -23.01
N PRO B 65 -5.30 -27.28 -24.20
CA PRO B 65 -4.49 -27.39 -25.43
C PRO B 65 -3.55 -26.21 -25.59
N ASP B 66 -2.66 -26.33 -26.59
CA ASP B 66 -1.70 -25.28 -26.86
C ASP B 66 -2.34 -24.06 -27.49
N ARG B 67 -3.62 -24.14 -27.87
CA ARG B 67 -4.30 -23.02 -28.51
C ARG B 67 -4.35 -21.80 -27.61
N PHE B 68 -4.68 -22.01 -26.34
CA PHE B 68 -4.82 -20.90 -25.41
C PHE B 68 -3.45 -20.45 -24.90
N SER B 69 -3.21 -19.14 -24.96
CA SER B 69 -1.97 -18.57 -24.43
C SER B 69 -2.32 -17.34 -23.61
N GLY B 70 -1.85 -17.30 -22.37
CA GLY B 70 -2.16 -16.21 -21.47
C GLY B 70 -0.91 -15.46 -21.05
N SER B 71 -1.06 -14.15 -20.86
CA SER B 71 0.04 -13.30 -20.43
C SER B 71 -0.55 -12.04 -19.81
N GLY B 72 0.32 -11.13 -19.41
CA GLY B 72 -0.12 -9.86 -18.87
C GLY B 72 0.96 -9.24 -18.02
N SER B 73 0.67 -8.03 -17.54
CA SER B 73 1.65 -7.27 -16.76
C SER B 73 0.92 -6.31 -15.84
N GLY B 74 0.82 -6.66 -14.56
CA GLY B 74 0.31 -5.75 -13.55
C GLY B 74 -1.20 -5.64 -13.52
N THR B 75 -1.77 -4.93 -14.50
CA THR B 75 -3.21 -4.76 -14.60
C THR B 75 -3.77 -5.38 -15.88
N ASP B 76 -3.20 -5.05 -17.03
CA ASP B 76 -3.65 -5.64 -18.28
C ASP B 76 -3.28 -7.11 -18.34
N PHE B 77 -4.22 -7.93 -18.83
CA PHE B 77 -4.00 -9.35 -19.00
C PHE B 77 -4.67 -9.80 -20.29
N THR B 78 -3.99 -10.65 -21.04
CA THR B 78 -4.43 -11.06 -22.38
C THR B 78 -4.51 -12.58 -22.46
N LEU B 79 -5.62 -13.06 -23.02
CA LEU B 79 -5.78 -14.48 -23.35
C LEU B 79 -6.07 -14.57 -24.84
N THR B 80 -5.21 -15.29 -25.56
CA THR B 80 -5.34 -15.45 -27.00
C THR B 80 -5.66 -16.90 -27.32
N ILE B 81 -6.74 -17.13 -28.05
CA ILE B 81 -7.15 -18.46 -28.48
C ILE B 81 -6.64 -18.62 -29.91
N ASN B 82 -5.41 -19.11 -30.05
CA ASN B 82 -4.83 -19.30 -31.36
C ASN B 82 -5.52 -20.46 -32.09
N SER B 83 -5.84 -20.23 -33.36
CA SER B 83 -6.51 -21.22 -34.20
C SER B 83 -7.80 -21.72 -33.54
N LEU B 84 -8.73 -20.79 -33.36
CA LEU B 84 -9.98 -21.09 -32.68
C LEU B 84 -10.79 -22.10 -33.47
N GLN B 85 -11.36 -23.07 -32.74
CA GLN B 85 -12.19 -24.10 -33.36
C GLN B 85 -13.56 -24.14 -32.71
N ALA B 86 -14.41 -25.08 -33.14
CA ALA B 86 -15.75 -25.19 -32.59
C ALA B 86 -15.74 -25.62 -31.13
N GLU B 87 -14.64 -26.23 -30.67
CA GLU B 87 -14.55 -26.65 -29.27
C GLU B 87 -14.36 -25.47 -28.32
N ASP B 88 -13.92 -24.32 -28.83
CA ASP B 88 -13.58 -23.19 -27.99
C ASP B 88 -14.78 -22.29 -27.67
N VAL B 89 -15.97 -22.64 -28.15
CA VAL B 89 -17.16 -21.83 -27.85
C VAL B 89 -17.49 -22.00 -26.37
N ALA B 90 -17.43 -20.91 -25.61
CA ALA B 90 -17.64 -20.93 -24.17
C ALA B 90 -17.63 -19.49 -23.67
N VAL B 91 -17.88 -19.33 -22.37
CA VAL B 91 -17.81 -18.04 -21.71
C VAL B 91 -16.53 -18.02 -20.88
N TYR B 92 -15.59 -17.17 -21.26
CA TYR B 92 -14.29 -17.09 -20.60
C TYR B 92 -14.27 -15.91 -19.64
N PHE B 93 -13.70 -16.11 -18.46
CA PHE B 93 -13.65 -15.04 -17.48
C PHE B 93 -12.35 -15.11 -16.69
N CYS B 94 -12.02 -13.99 -16.05
CA CYS B 94 -10.79 -13.83 -15.29
C CYS B 94 -11.11 -13.66 -13.81
N HIS B 95 -10.27 -14.26 -12.98
CA HIS B 95 -10.42 -14.26 -11.54
C HIS B 95 -9.18 -13.69 -10.90
N GLN B 96 -9.35 -12.87 -9.87
CA GLN B 96 -8.24 -12.37 -9.08
C GLN B 96 -8.29 -12.99 -7.69
N TYR B 97 -7.16 -13.49 -7.22
CA TYR B 97 -7.02 -14.01 -5.87
C TYR B 97 -5.90 -13.30 -5.14
N PHE B 98 -5.82 -11.99 -5.31
CA PHE B 98 -4.78 -11.19 -4.69
C PHE B 98 -5.21 -10.67 -3.33
N SER B 99 -6.39 -10.05 -3.25
CA SER B 99 -6.91 -9.52 -2.00
C SER B 99 -8.41 -9.70 -1.95
N THR B 100 -8.92 -10.10 -0.78
CA THR B 100 -10.35 -10.28 -0.61
C THR B 100 -11.06 -8.93 -0.70
N PRO B 101 -12.22 -8.86 -1.37
CA PRO B 101 -12.96 -9.94 -2.03
C PRO B 101 -12.38 -10.30 -3.39
N TRP B 102 -12.69 -11.51 -3.88
CA TRP B 102 -12.08 -12.07 -5.08
C TRP B 102 -13.10 -12.00 -6.22
N THR B 103 -13.14 -10.83 -6.86
CA THR B 103 -14.11 -10.61 -7.92
C THR B 103 -13.66 -11.30 -9.21
N PHE B 104 -14.62 -11.88 -9.91
CA PHE B 104 -14.37 -12.52 -11.19
C PHE B 104 -14.60 -11.51 -12.31
N GLY B 105 -14.53 -11.97 -13.56
CA GLY B 105 -14.86 -11.13 -14.67
C GLY B 105 -16.33 -11.23 -15.06
N GLN B 106 -16.79 -10.25 -15.83
CA GLN B 106 -18.19 -10.26 -16.26
C GLN B 106 -18.50 -11.41 -17.20
N GLY B 107 -17.48 -12.03 -17.79
CA GLY B 107 -17.69 -13.16 -18.68
C GLY B 107 -17.86 -12.75 -20.12
N THR B 108 -16.99 -13.25 -21.00
CA THR B 108 -17.03 -12.96 -22.42
C THR B 108 -17.39 -14.23 -23.17
N LYS B 109 -18.50 -14.21 -23.90
CA LYS B 109 -18.96 -15.37 -24.64
C LYS B 109 -18.37 -15.35 -26.04
N VAL B 110 -17.58 -16.37 -26.37
CA VAL B 110 -16.92 -16.46 -27.67
C VAL B 110 -17.80 -17.31 -28.57
N GLU B 111 -18.47 -16.66 -29.52
CA GLU B 111 -19.40 -17.32 -30.42
C GLU B 111 -18.77 -17.48 -31.79
N ILE B 112 -19.12 -18.57 -32.47
CA ILE B 112 -18.58 -18.85 -33.80
C ILE B 112 -19.13 -17.88 -34.82
N PHE C 21 15.99 52.90 0.15
CA PHE C 21 16.91 53.28 1.20
C PHE C 21 16.49 52.70 2.54
N THR C 22 15.76 51.57 2.50
CA THR C 22 15.18 50.99 3.70
C THR C 22 15.62 49.54 3.86
N ILE C 23 15.68 49.11 5.12
CA ILE C 23 16.04 47.74 5.46
C ILE C 23 14.78 46.99 5.86
N SER C 24 14.87 45.67 5.77
CA SER C 24 13.73 44.80 6.06
C SER C 24 14.25 43.47 6.57
N VAL C 25 13.37 42.72 7.23
CA VAL C 25 13.68 41.40 7.76
C VAL C 25 12.74 40.39 7.13
N THR C 26 13.30 39.38 6.48
CA THR C 26 12.53 38.35 5.80
C THR C 26 12.78 37.00 6.46
N THR C 27 11.71 36.26 6.72
CA THR C 27 11.79 34.96 7.37
C THR C 27 11.85 33.86 6.32
N GLU C 28 12.87 33.02 6.40
CA GLU C 28 13.05 31.90 5.50
C GLU C 28 12.96 30.60 6.27
N ILE C 29 12.26 29.62 5.71
CA ILE C 29 12.01 28.34 6.34
C ILE C 29 12.73 27.26 5.54
N LEU C 30 13.50 26.41 6.23
CA LEU C 30 14.19 25.35 5.51
C LEU C 30 14.23 24.07 6.34
N PRO C 31 13.54 23.02 5.92
CA PRO C 31 13.64 21.76 6.66
C PRO C 31 15.00 21.11 6.46
N VAL C 32 15.56 20.59 7.56
CA VAL C 32 16.85 19.94 7.51
C VAL C 32 16.78 18.47 7.92
N SER C 33 15.73 18.03 8.59
CA SER C 33 15.60 16.63 8.97
C SER C 33 14.13 16.33 9.24
N MET C 34 13.80 15.05 9.23
CA MET C 34 12.48 14.57 9.61
C MET C 34 12.61 13.58 10.76
N THR C 35 11.50 12.95 11.12
CA THR C 35 11.49 11.98 12.20
C THR C 35 12.38 10.79 11.86
N LYS C 36 13.22 10.41 12.81
CA LYS C 36 14.08 9.26 12.63
C LYS C 36 13.24 7.99 12.59
N THR C 37 13.64 7.04 11.74
CA THR C 37 12.89 5.81 11.62
C THR C 37 13.82 4.66 11.27
N SER C 38 13.44 3.46 11.72
CA SER C 38 14.17 2.24 11.42
C SER C 38 13.24 1.06 11.69
N VAL C 39 13.64 -0.10 11.18
CA VAL C 39 12.85 -1.32 11.32
C VAL C 39 13.74 -2.45 11.83
N ASP C 40 13.11 -3.43 12.44
CA ASP C 40 13.79 -4.64 12.94
C ASP C 40 13.11 -5.83 12.29
N CYS C 41 13.76 -6.40 11.27
CA CYS C 41 13.16 -7.48 10.50
C CYS C 41 12.97 -8.75 11.31
N THR C 42 13.81 -8.98 12.33
CA THR C 42 13.61 -10.12 13.22
C THR C 42 12.28 -10.04 13.97
N MET C 43 11.76 -8.84 14.19
CA MET C 43 10.49 -8.64 14.87
C MET C 43 9.39 -8.12 13.96
N TYR C 44 9.74 -7.49 12.84
CA TYR C 44 8.71 -6.92 11.96
C TYR C 44 7.85 -8.01 11.33
N ILE C 45 8.48 -9.07 10.82
CA ILE C 45 7.71 -10.13 10.17
C ILE C 45 6.87 -10.90 11.18
N CYS C 46 7.40 -11.13 12.38
CA CYS C 46 6.70 -11.89 13.40
C CYS C 46 7.09 -11.36 14.77
N GLY C 47 6.08 -11.16 15.63
CA GLY C 47 6.33 -10.67 16.97
C GLY C 47 6.87 -11.73 17.91
N LEU C 56 7.24 -18.55 8.20
CA LEU C 56 8.58 -18.48 7.64
C LEU C 56 9.55 -17.88 8.65
N LEU C 57 10.56 -18.67 9.04
CA LEU C 57 11.53 -18.21 10.02
C LEU C 57 12.38 -17.07 9.48
N GLN C 58 12.69 -17.10 8.18
CA GLN C 58 13.47 -16.03 7.55
C GLN C 58 13.09 -16.01 6.07
N TYR C 59 12.30 -15.02 5.67
CA TYR C 59 11.84 -14.94 4.29
C TYR C 59 13.01 -14.70 3.33
N GLY C 60 13.85 -13.73 3.64
CA GLY C 60 14.97 -13.41 2.77
C GLY C 60 15.69 -12.18 3.28
N SER C 61 16.72 -11.79 2.51
CA SER C 61 17.51 -10.62 2.83
C SER C 61 16.93 -9.33 2.27
N PHE C 62 15.77 -9.40 1.62
CA PHE C 62 15.13 -8.20 1.09
C PHE C 62 14.78 -7.23 2.22
N CYS C 63 14.25 -7.75 3.33
CA CYS C 63 13.98 -6.90 4.48
C CYS C 63 15.27 -6.34 5.06
N THR C 64 16.34 -7.13 5.05
CA THR C 64 17.63 -6.62 5.54
C THR C 64 18.13 -5.47 4.68
N GLN C 65 17.95 -5.57 3.36
CA GLN C 65 18.32 -4.46 2.48
C GLN C 65 17.45 -3.23 2.75
N LEU C 66 16.16 -3.44 2.99
CA LEU C 66 15.28 -2.32 3.34
C LEU C 66 15.74 -1.65 4.63
N ASN C 67 16.11 -2.45 5.64
CA ASN C 67 16.59 -1.90 6.89
C ASN C 67 17.92 -1.15 6.68
N ARG C 68 18.77 -1.66 5.80
CA ARG C 68 20.02 -0.97 5.49
C ARG C 68 19.76 0.39 4.86
N ALA C 69 18.80 0.43 3.92
CA ALA C 69 18.45 1.72 3.32
C ALA C 69 17.88 2.68 4.36
N LEU C 70 17.04 2.17 5.25
CA LEU C 70 16.45 3.02 6.29
C LEU C 70 17.50 3.54 7.26
N THR C 71 18.47 2.72 7.64
CA THR C 71 19.50 3.19 8.56
C THR C 71 20.48 4.13 7.86
N GLY C 72 20.66 3.95 6.55
CA GLY C 72 21.40 4.95 5.78
C GLY C 72 20.70 6.29 5.79
N ILE C 73 19.38 6.28 5.62
CA ILE C 73 18.60 7.51 5.74
C ILE C 73 18.76 8.10 7.14
N ALA C 74 18.76 7.24 8.16
CA ALA C 74 18.91 7.71 9.53
C ALA C 74 20.25 8.40 9.75
N VAL C 75 21.33 7.81 9.23
CA VAL C 75 22.64 8.43 9.34
C VAL C 75 22.68 9.74 8.55
N GLU C 76 22.03 9.78 7.39
CA GLU C 76 21.95 11.01 6.62
C GLU C 76 21.26 12.12 7.40
N GLN C 77 20.16 11.78 8.07
CA GLN C 77 19.44 12.77 8.87
C GLN C 77 20.24 13.19 10.09
N ASP C 78 21.01 12.29 10.69
CA ASP C 78 21.88 12.66 11.79
C ASP C 78 23.03 13.55 11.34
N LYS C 79 23.47 13.41 10.09
CA LYS C 79 24.56 14.22 9.56
C LYS C 79 24.09 15.57 9.04
N ASN C 80 22.83 15.67 8.60
CA ASN C 80 22.33 16.95 8.09
C ASN C 80 22.37 18.04 9.16
N THR C 81 22.07 17.69 10.41
CA THR C 81 22.11 18.67 11.48
C THR C 81 23.52 19.23 11.67
N GLN C 82 24.53 18.36 11.64
CA GLN C 82 25.91 18.84 11.69
C GLN C 82 26.30 19.61 10.43
N GLU C 83 25.68 19.31 9.30
CA GLU C 83 25.92 20.09 8.10
C GLU C 83 25.39 21.52 8.24
N VAL C 84 24.23 21.67 8.87
CA VAL C 84 23.62 23.00 9.00
C VAL C 84 23.95 23.65 10.33
N PHE C 85 24.01 22.90 11.43
CA PHE C 85 24.35 23.42 12.74
C PHE C 85 25.76 23.01 13.13
N ALA C 86 26.36 23.79 14.03
CA ALA C 86 27.72 23.54 14.50
C ALA C 86 28.70 23.47 13.33
N GLN C 87 28.50 24.35 12.35
CA GLN C 87 29.35 24.38 11.17
C GLN C 87 30.31 25.58 11.22
N PHE C 103 16.34 48.95 18.78
CA PHE C 103 17.39 48.14 18.15
C PHE C 103 17.76 46.95 19.04
N ASN C 104 16.88 46.62 19.98
CA ASN C 104 17.15 45.52 20.89
C ASN C 104 17.06 44.19 20.17
N PHE C 105 17.70 43.18 20.76
CA PHE C 105 17.73 41.83 20.21
C PHE C 105 17.12 40.82 21.17
N SER C 106 16.19 41.26 22.01
CA SER C 106 15.56 40.35 22.96
C SER C 106 14.76 39.27 22.25
N GLN C 107 14.07 39.64 21.16
CA GLN C 107 13.28 38.66 20.42
C GLN C 107 14.15 37.59 19.78
N ILE C 108 15.29 37.99 19.19
CA ILE C 108 16.16 37.06 18.49
C ILE C 108 17.12 36.40 19.48
N LEU C 109 17.96 37.21 20.12
CA LEU C 109 18.95 36.69 21.05
C LEU C 109 18.28 36.33 22.37
N PRO C 110 18.40 35.09 22.85
CA PRO C 110 17.82 34.68 24.13
C PRO C 110 18.47 35.37 25.33
N SER C 119 14.73 33.07 24.26
CA SER C 119 14.47 32.97 22.83
C SER C 119 12.99 32.78 22.54
N PRO C 120 12.22 33.88 22.55
CA PRO C 120 10.78 33.77 22.28
C PRO C 120 10.47 33.20 20.91
N ILE C 121 11.29 33.51 19.90
CA ILE C 121 11.05 32.97 18.57
C ILE C 121 11.24 31.46 18.55
N GLU C 122 12.28 30.97 19.22
CA GLU C 122 12.51 29.53 19.28
C GLU C 122 11.37 28.83 19.99
N ASP C 123 10.88 29.41 21.09
CA ASP C 123 9.75 28.80 21.80
C ASP C 123 8.48 28.85 20.95
N LEU C 124 8.28 29.94 20.20
CA LEU C 124 7.12 30.04 19.33
C LEU C 124 7.15 28.98 18.25
N LEU C 125 8.33 28.75 17.66
CA LEU C 125 8.45 27.67 16.67
C LEU C 125 8.33 26.29 17.32
N PHE C 126 8.75 26.16 18.58
CA PHE C 126 8.65 24.87 19.26
C PHE C 126 7.20 24.50 19.55
N ASN C 127 6.41 25.45 20.05
CA ASN C 127 5.05 25.14 20.43
C ASN C 127 4.05 25.26 19.28
N LYS C 128 4.33 26.11 18.29
CA LYS C 128 3.43 26.21 17.14
C LYS C 128 3.62 25.02 16.20
N VAL C 129 4.82 24.48 16.09
CA VAL C 129 5.13 23.36 15.22
C VAL C 129 5.18 22.09 16.06
N THR C 130 4.33 21.12 15.72
CA THR C 130 4.26 19.87 16.46
C THR C 130 5.48 19.00 16.17
N GLY C 160 9.24 -4.35 14.73
CA GLY C 160 10.14 -3.21 14.65
C GLY C 160 9.43 -1.88 14.68
N LEU C 161 9.71 -1.04 13.69
CA LEU C 161 9.11 0.29 13.56
C LEU C 161 9.40 1.14 14.80
N THR C 162 10.69 1.32 15.06
CA THR C 162 11.16 2.09 16.21
C THR C 162 11.68 3.44 15.74
N VAL C 163 11.24 4.50 16.41
CA VAL C 163 11.69 5.86 16.11
C VAL C 163 12.88 6.15 17.02
N LEU C 164 14.07 6.18 16.45
CA LEU C 164 15.27 6.43 17.24
C LEU C 164 15.33 7.90 17.67
N PRO C 165 15.90 8.18 18.84
CA PRO C 165 16.10 9.57 19.24
C PRO C 165 17.19 10.20 18.40
N PRO C 166 17.04 11.48 18.05
CA PRO C 166 18.08 12.15 17.26
C PRO C 166 19.39 12.20 18.02
N LEU C 167 20.50 12.10 17.28
CA LEU C 167 21.81 12.16 17.90
C LEU C 167 22.05 13.52 18.55
N LEU C 168 21.64 14.59 17.88
CA LEU C 168 21.74 15.94 18.44
C LEU C 168 20.40 16.29 19.08
N THR C 169 20.40 16.45 20.40
CA THR C 169 19.18 16.79 21.11
C THR C 169 18.79 18.25 20.81
N ASP C 170 17.59 18.61 21.28
CA ASP C 170 17.09 19.95 21.05
C ASP C 170 17.97 21.00 21.72
N GLU C 171 18.50 20.70 22.91
CA GLU C 171 19.31 21.69 23.62
C GLU C 171 20.74 21.76 23.07
N MET C 172 21.27 20.67 22.52
CA MET C 172 22.50 20.76 21.72
C MET C 172 22.35 21.77 20.57
N ILE C 173 21.30 21.60 19.76
CA ILE C 173 21.16 22.49 18.60
C ILE C 173 20.81 23.90 19.06
N ALA C 174 20.09 24.03 20.18
CA ALA C 174 19.81 25.36 20.72
C ALA C 174 21.09 26.06 21.14
N GLN C 175 21.98 25.34 21.83
CA GLN C 175 23.26 25.94 22.22
C GLN C 175 24.08 26.30 20.99
N TYR C 176 24.09 25.42 19.98
CA TYR C 176 24.87 25.69 18.77
C TYR C 176 24.36 26.93 18.05
N THR C 177 23.05 27.05 17.88
CA THR C 177 22.49 28.20 17.18
C THR C 177 22.65 29.48 18.00
N SER C 178 22.56 29.39 19.34
CA SER C 178 22.80 30.58 20.16
C SER C 178 24.24 31.02 20.06
N ALA C 179 25.18 30.07 20.07
CA ALA C 179 26.59 30.42 19.95
C ALA C 179 26.90 31.05 18.59
N LEU C 180 26.32 30.51 17.52
CA LEU C 180 26.58 31.07 16.20
C LEU C 180 25.90 32.43 16.04
N LEU C 181 24.74 32.60 16.69
CA LEU C 181 24.10 33.91 16.72
C LEU C 181 24.97 34.93 17.44
N ALA C 182 25.56 34.53 18.56
CA ALA C 182 26.48 35.43 19.28
C ALA C 182 27.70 35.75 18.43
N CYS C 183 28.21 34.76 17.69
CA CYS C 183 29.36 34.99 16.84
C CYS C 183 29.04 35.98 15.72
N THR C 184 27.86 35.84 15.11
CA THR C 184 27.50 36.71 13.98
C THR C 184 26.92 38.05 14.42
N ILE C 185 26.56 38.21 15.69
CA ILE C 185 26.02 39.48 16.14
C ILE C 185 27.11 40.48 16.51
N THR C 186 28.33 40.01 16.75
CA THR C 186 29.44 40.89 17.10
C THR C 186 30.50 40.90 15.99
N PRO C 202 26.28 49.11 17.83
CA PRO C 202 25.80 49.34 16.47
C PRO C 202 26.94 49.52 15.47
N MET C 203 28.15 49.11 15.85
CA MET C 203 29.29 49.22 14.95
C MET C 203 29.26 48.18 13.84
N GLN C 204 28.62 47.03 14.08
CA GLN C 204 28.46 46.04 13.01
C GLN C 204 27.60 46.59 11.88
N MET C 205 26.63 47.46 12.21
CA MET C 205 25.89 48.15 11.15
C MET C 205 26.80 49.06 10.33
N ALA C 206 27.71 49.78 11.00
CA ALA C 206 28.61 50.67 10.28
C ALA C 206 29.55 49.89 9.38
N TYR C 207 30.10 48.78 9.86
CA TYR C 207 31.01 47.99 9.03
C TYR C 207 30.25 47.28 7.91
N ARG C 208 29.01 46.85 8.18
CA ARG C 208 28.24 46.10 7.20
C ARG C 208 27.68 46.98 6.08
N PHE C 209 27.71 48.30 6.24
CA PHE C 209 27.20 49.19 5.21
C PHE C 209 28.10 49.25 3.99
N ASN C 210 29.36 48.82 4.12
CA ASN C 210 30.29 48.89 2.99
C ASN C 210 29.82 48.03 1.83
N GLY C 211 29.31 46.84 2.11
CA GLY C 211 28.82 45.95 1.07
C GLY C 211 27.40 46.26 0.64
N ILE C 226 18.41 54.01 11.69
CA ILE C 226 17.48 53.10 11.02
C ILE C 226 17.05 52.01 11.99
N ALA C 227 17.18 52.29 13.29
CA ALA C 227 16.81 51.30 14.30
C ALA C 227 15.31 51.03 14.29
N ASN C 228 14.49 52.07 14.06
CA ASN C 228 13.05 51.89 14.08
C ASN C 228 12.57 50.99 12.95
N GLN C 229 13.14 51.13 11.75
CA GLN C 229 12.75 50.23 10.65
C GLN C 229 13.11 48.79 10.97
N PHE C 230 14.29 48.56 11.54
CA PHE C 230 14.69 47.21 11.92
C PHE C 230 13.76 46.64 12.99
N ASN C 231 13.40 47.46 13.97
CA ASN C 231 12.49 47.01 15.02
C ASN C 231 11.13 46.66 14.46
N SER C 232 10.61 47.49 13.54
CA SER C 232 9.32 47.20 12.92
C SER C 232 9.37 45.93 12.10
N ALA C 233 10.47 45.72 11.36
CA ALA C 233 10.61 44.51 10.56
C ALA C 233 10.69 43.27 11.44
N ILE C 234 11.38 43.36 12.58
CA ILE C 234 11.41 42.25 13.51
C ILE C 234 10.03 42.00 14.09
N GLY C 235 9.31 43.06 14.46
CA GLY C 235 8.02 42.89 15.10
C GLY C 235 6.96 42.32 14.17
N LYS C 236 6.96 42.74 12.90
CA LYS C 236 5.95 42.27 11.98
C LYS C 236 6.06 40.78 11.68
N ILE C 237 7.20 40.17 11.98
CA ILE C 237 7.36 38.74 11.77
C ILE C 237 6.41 37.95 12.67
N GLN C 238 6.33 38.34 13.94
CA GLN C 238 5.46 37.65 14.89
C GLN C 238 3.99 37.94 14.60
N LEU C 248 6.97 28.39 8.94
CA LEU C 248 6.67 27.20 9.73
C LEU C 248 5.78 26.23 8.95
N GLY C 249 5.43 26.62 7.73
CA GLY C 249 4.57 25.77 6.92
C GLY C 249 5.24 24.47 6.52
N LYS C 250 6.51 24.53 6.11
CA LYS C 250 7.20 23.34 5.62
C LYS C 250 7.53 22.37 6.75
N LEU C 251 7.76 22.89 7.96
CA LEU C 251 7.95 22.01 9.12
C LEU C 251 6.71 21.17 9.38
N GLN C 252 5.54 21.82 9.41
CA GLN C 252 4.29 21.07 9.52
C GLN C 252 4.10 20.12 8.35
N ASP C 253 4.48 20.56 7.15
CA ASP C 253 4.35 19.70 5.97
C ASP C 253 5.13 18.40 6.16
N VAL C 254 6.41 18.51 6.51
CA VAL C 254 7.23 17.30 6.63
C VAL C 254 6.82 16.46 7.83
N VAL C 255 6.48 17.09 8.96
CA VAL C 255 6.08 16.31 10.13
C VAL C 255 4.80 15.54 9.85
N ASN C 256 3.79 16.22 9.31
CA ASN C 256 2.53 15.56 8.97
C ASN C 256 2.75 14.49 7.91
N GLN C 257 3.63 14.73 6.95
CA GLN C 257 3.84 13.77 5.88
C GLN C 257 4.48 12.50 6.39
N ASN C 258 5.50 12.61 7.24
CA ASN C 258 6.11 11.40 7.79
C ASN C 258 5.17 10.71 8.78
N ALA C 259 4.38 11.48 9.52
CA ALA C 259 3.40 10.85 10.41
C ALA C 259 2.37 10.06 9.62
N GLN C 260 1.87 10.63 8.52
CA GLN C 260 0.94 9.91 7.66
C GLN C 260 1.60 8.70 7.02
N ALA C 261 2.88 8.81 6.67
CA ALA C 261 3.60 7.67 6.11
C ALA C 261 3.66 6.52 7.12
N LEU C 262 4.02 6.82 8.36
CA LEU C 262 4.09 5.77 9.37
C LEU C 262 2.71 5.21 9.66
N ASN C 263 1.68 6.06 9.71
CA ASN C 263 0.33 5.58 9.95
C ASN C 263 -0.15 4.66 8.82
N THR C 264 0.15 5.03 7.56
CA THR C 264 -0.21 4.20 6.43
C THR C 264 0.53 2.87 6.47
N LEU C 265 1.81 2.89 6.86
CA LEU C 265 2.56 1.64 6.96
C LEU C 265 1.97 0.74 8.04
N VAL C 266 1.57 1.32 9.17
CA VAL C 266 0.92 0.52 10.21
C VAL C 266 -0.41 -0.04 9.71
N LYS C 267 -1.17 0.76 8.97
CA LYS C 267 -2.45 0.29 8.44
C LYS C 267 -2.24 -0.87 7.47
N GLN C 268 -1.22 -0.77 6.60
CA GLN C 268 -0.90 -1.87 5.72
C GLN C 268 -0.44 -3.09 6.49
N LEU C 269 0.28 -2.89 7.60
CA LEU C 269 0.64 -4.00 8.47
C LEU C 269 -0.59 -4.70 9.01
N SER C 270 -1.62 -3.93 9.39
CA SER C 270 -2.85 -4.53 9.89
C SER C 270 -3.63 -5.23 8.78
N SER C 271 -3.38 -4.90 7.52
CA SER C 271 -4.12 -5.50 6.41
C SER C 271 -3.71 -6.96 6.22
N ASN C 272 -4.68 -7.78 5.82
CA ASN C 272 -4.43 -9.20 5.59
C ASN C 272 -3.74 -9.48 4.27
N PHE C 273 -3.80 -8.53 3.32
CA PHE C 273 -3.12 -8.66 2.04
C PHE C 273 -3.51 -9.95 1.31
N GLY C 274 -4.79 -10.28 1.37
CA GLY C 274 -5.32 -11.45 0.68
C GLY C 274 -5.20 -12.75 1.45
N ALA C 275 -4.58 -12.74 2.62
CA ALA C 275 -4.48 -13.94 3.45
C ALA C 275 -5.79 -14.15 4.20
N ILE C 276 -5.79 -15.08 5.15
CA ILE C 276 -7.00 -15.36 5.91
C ILE C 276 -7.03 -14.63 7.26
N SER C 277 -5.90 -14.09 7.70
CA SER C 277 -5.84 -13.33 8.94
C SER C 277 -4.58 -12.47 8.92
N SER C 278 -4.52 -11.54 9.86
CA SER C 278 -3.39 -10.62 9.98
C SER C 278 -2.37 -11.06 11.02
N VAL C 279 -2.54 -12.24 11.62
CA VAL C 279 -1.64 -12.75 12.66
C VAL C 279 -1.03 -14.05 12.18
N LEU C 280 0.30 -14.11 12.17
CA LEU C 280 0.99 -15.33 11.74
C LEU C 280 0.69 -16.49 12.69
N ASN C 281 0.70 -16.24 13.99
CA ASN C 281 0.43 -17.30 14.96
C ASN C 281 -1.00 -17.82 14.84
N ASP C 282 -1.95 -16.94 14.52
CA ASP C 282 -3.33 -17.39 14.31
C ASP C 282 -3.42 -18.34 13.12
N ILE C 283 -2.72 -18.03 12.03
CA ILE C 283 -2.72 -18.93 10.87
C ILE C 283 -2.04 -20.25 11.22
N LEU C 284 -0.93 -20.20 11.96
CA LEU C 284 -0.27 -21.43 12.37
C LEU C 284 -1.19 -22.30 13.22
N SER C 285 -1.93 -21.70 14.14
CA SER C 285 -2.86 -22.46 14.97
C SER C 285 -4.17 -22.79 14.26
N ARG C 286 -4.40 -22.23 13.07
CA ARG C 286 -5.68 -22.41 12.37
C ARG C 286 -5.56 -23.19 11.07
N LEU C 287 -4.40 -23.18 10.41
CA LEU C 287 -4.24 -23.82 9.12
C LEU C 287 -3.11 -24.86 9.17
N ASP C 288 -3.22 -25.87 8.30
CA ASP C 288 -2.21 -26.90 8.20
C ASP C 288 -0.92 -26.31 7.63
N PRO C 289 0.23 -26.91 7.95
CA PRO C 289 1.52 -26.39 7.48
C PRO C 289 1.59 -26.24 5.97
N PRO C 290 1.13 -27.22 5.16
CA PRO C 290 1.26 -27.05 3.71
C PRO C 290 0.47 -25.87 3.15
N GLU C 291 -0.53 -25.37 3.88
CA GLU C 291 -1.24 -24.17 3.51
C GLU C 291 -0.88 -22.97 4.37
N ALA C 292 -0.53 -23.21 5.64
CA ALA C 292 -0.07 -22.12 6.49
C ALA C 292 1.19 -21.49 5.93
N GLU C 293 2.06 -22.28 5.30
CA GLU C 293 3.28 -21.71 4.74
C GLU C 293 2.97 -20.80 3.56
N VAL C 294 2.00 -21.18 2.72
CA VAL C 294 1.56 -20.31 1.63
C VAL C 294 0.95 -19.02 2.18
N GLN C 295 0.08 -19.14 3.18
CA GLN C 295 -0.57 -17.96 3.72
C GLN C 295 0.43 -17.02 4.39
N ILE C 296 1.40 -17.58 5.12
CA ILE C 296 2.44 -16.78 5.73
C ILE C 296 3.32 -16.14 4.67
N ASP C 297 3.58 -16.85 3.58
CA ASP C 297 4.32 -16.26 2.47
C ASP C 297 3.58 -15.06 1.90
N ARG C 298 2.27 -15.18 1.73
CA ARG C 298 1.47 -14.04 1.25
C ARG C 298 1.55 -12.87 2.22
N LEU C 299 1.39 -13.15 3.53
CA LEU C 299 1.41 -12.10 4.53
C LEU C 299 2.76 -11.39 4.55
N ILE C 300 3.85 -12.16 4.57
CA ILE C 300 5.18 -11.58 4.66
C ILE C 300 5.53 -10.82 3.38
N THR C 301 5.11 -11.34 2.22
CA THR C 301 5.37 -10.63 0.98
C THR C 301 4.62 -9.30 0.94
N GLY C 302 3.36 -9.29 1.41
CA GLY C 302 2.63 -8.04 1.48
C GLY C 302 3.25 -7.05 2.44
N ARG C 303 3.66 -7.53 3.63
CA ARG C 303 4.29 -6.64 4.60
C ARG C 303 5.60 -6.09 4.07
N LEU C 304 6.38 -6.91 3.38
CA LEU C 304 7.63 -6.44 2.80
C LEU C 304 7.38 -5.50 1.62
N GLN C 305 6.28 -5.68 0.89
CA GLN C 305 5.91 -4.70 -0.12
C GLN C 305 5.58 -3.35 0.51
N SER C 306 4.84 -3.36 1.62
CA SER C 306 4.56 -2.12 2.33
C SER C 306 5.84 -1.48 2.85
N LEU C 307 6.76 -2.30 3.37
CA LEU C 307 8.03 -1.79 3.83
C LEU C 307 8.86 -1.24 2.69
N GLN C 308 8.77 -1.85 1.49
CA GLN C 308 9.45 -1.32 0.32
C GLN C 308 8.89 0.04 -0.07
N THR C 309 7.56 0.18 -0.02
CA THR C 309 6.96 1.48 -0.30
C THR C 309 7.45 2.53 0.70
N TYR C 310 7.47 2.18 1.99
CA TYR C 310 8.01 3.09 2.99
C TYR C 310 9.46 3.44 2.71
N VAL C 311 10.28 2.43 2.37
CA VAL C 311 11.71 2.67 2.16
C VAL C 311 11.93 3.59 0.96
N THR C 312 11.24 3.35 -0.16
CA THR C 312 11.45 4.21 -1.32
C THR C 312 10.90 5.61 -1.11
N GLN C 313 9.76 5.75 -0.41
CA GLN C 313 9.26 7.08 -0.10
C GLN C 313 10.22 7.82 0.82
N GLN C 314 10.79 7.11 1.81
CA GLN C 314 11.77 7.73 2.68
C GLN C 314 13.05 8.08 1.94
N LEU C 315 13.46 7.27 0.96
CA LEU C 315 14.63 7.64 0.15
C LEU C 315 14.38 8.91 -0.64
N ILE C 316 13.24 9.02 -1.33
CA ILE C 316 13.01 10.20 -2.14
C ILE C 316 12.83 11.43 -1.25
N ARG C 317 12.13 11.29 -0.12
CA ARG C 317 11.95 12.43 0.76
C ARG C 317 13.25 12.80 1.47
N ALA C 318 14.10 11.81 1.74
CA ALA C 318 15.41 12.10 2.30
C ALA C 318 16.27 12.86 1.31
N ALA C 319 16.16 12.52 0.01
CA ALA C 319 16.86 13.29 -1.01
C ALA C 319 16.35 14.73 -1.05
N GLU C 320 15.02 14.89 -0.98
CA GLU C 320 14.46 16.23 -1.03
C GLU C 320 14.78 17.04 0.22
N ILE C 321 14.93 16.41 1.37
CA ILE C 321 15.32 17.12 2.58
C ILE C 321 16.83 17.36 2.60
N ARG C 322 17.60 16.48 1.97
CA ARG C 322 19.04 16.69 1.85
C ARG C 322 19.34 17.87 0.95
N ALA C 323 18.55 18.07 -0.11
CA ALA C 323 18.72 19.26 -0.93
C ALA C 323 18.53 20.53 -0.10
N SER C 324 17.45 20.56 0.70
CA SER C 324 17.19 21.73 1.54
C SER C 324 18.25 21.87 2.63
N ALA C 325 18.77 20.77 3.16
CA ALA C 325 19.80 20.83 4.18
C ALA C 325 21.10 21.37 3.60
N ASN C 326 21.44 20.98 2.37
CA ASN C 326 22.62 21.54 1.71
C ASN C 326 22.42 23.03 1.43
N LEU C 327 21.21 23.41 1.01
CA LEU C 327 20.93 24.83 0.81
C LEU C 327 21.09 25.61 2.11
N ALA C 328 20.56 25.07 3.21
CA ALA C 328 20.66 25.70 4.51
C ALA C 328 22.11 25.76 4.99
N ALA C 329 22.89 24.73 4.69
CA ALA C 329 24.30 24.74 5.04
C ALA C 329 25.06 25.81 4.27
N THR C 330 24.75 25.96 2.98
CA THR C 330 25.34 27.04 2.21
C THR C 330 24.97 28.40 2.78
N LYS C 331 23.71 28.58 3.15
CA LYS C 331 23.28 29.83 3.78
C LYS C 331 24.03 30.06 5.09
N MET C 332 24.14 29.02 5.91
CA MET C 332 24.79 29.11 7.21
C MET C 332 26.30 29.29 7.09
N SER C 333 26.85 29.01 5.91
CA SER C 333 28.27 29.26 5.65
C SER C 333 28.54 30.65 5.10
N GLU C 334 27.67 31.15 4.22
CA GLU C 334 27.97 32.45 3.63
C GLU C 334 26.93 33.52 3.94
N CYS C 335 25.65 33.14 4.07
CA CYS C 335 24.60 34.14 4.27
C CYS C 335 24.59 34.67 5.70
N VAL C 336 25.17 33.93 6.66
CA VAL C 336 25.16 34.36 8.05
C VAL C 336 26.58 34.70 8.50
N LEU C 337 27.58 34.11 7.84
CA LEU C 337 28.98 34.37 8.16
C LEU C 337 29.54 35.35 7.14
N GLY C 338 29.77 36.59 7.57
CA GLY C 338 30.27 37.60 6.65
C GLY C 338 29.13 38.30 5.95
N GLN C 339 29.06 38.16 4.63
CA GLN C 339 28.03 38.79 3.84
C GLN C 339 27.70 37.91 2.64
N SER C 340 26.42 37.91 2.26
CA SER C 340 25.98 37.28 1.03
C SER C 340 26.09 38.30 -0.09
N LYS C 341 27.21 38.27 -0.81
CA LYS C 341 27.41 39.21 -1.92
C LYS C 341 26.45 38.92 -3.06
N ARG C 342 25.93 37.69 -3.13
CA ARG C 342 24.99 37.32 -4.17
C ARG C 342 23.57 37.66 -3.74
N VAL C 343 22.86 38.41 -4.59
CA VAL C 343 21.53 38.92 -4.27
C VAL C 343 20.49 37.84 -4.60
N ASP C 344 19.33 37.93 -3.96
CA ASP C 344 18.15 37.11 -4.23
C ASP C 344 18.32 35.67 -3.76
N PHE C 345 19.51 35.32 -3.25
CA PHE C 345 19.70 34.02 -2.63
C PHE C 345 18.99 33.94 -1.29
N CYS C 346 19.28 34.91 -0.41
CA CYS C 346 18.67 35.01 0.91
C CYS C 346 18.44 36.48 1.20
N GLY C 347 17.18 36.85 1.37
CA GLY C 347 16.80 38.24 1.49
C GLY C 347 16.21 38.76 0.20
N LYS C 348 15.36 39.78 0.32
CA LYS C 348 14.67 40.32 -0.85
C LYS C 348 15.57 41.19 -1.72
N GLY C 349 16.64 41.74 -1.17
CA GLY C 349 17.55 42.55 -1.94
C GLY C 349 19.00 42.37 -1.53
N TYR C 350 19.74 43.46 -1.40
CA TYR C 350 21.11 43.38 -0.93
C TYR C 350 21.15 42.89 0.51
N HIS C 351 22.25 42.25 0.88
CA HIS C 351 22.32 41.48 2.11
C HIS C 351 23.28 42.11 3.12
N LEU C 352 22.84 42.15 4.38
CA LEU C 352 23.68 42.63 5.47
C LEU C 352 24.06 41.51 6.42
N MET C 353 23.10 40.81 7.02
CA MET C 353 23.39 39.66 7.86
C MET C 353 22.14 38.81 7.99
N SER C 354 22.32 37.61 8.54
CA SER C 354 21.23 36.69 8.79
C SER C 354 21.23 36.28 10.26
N PHE C 355 20.07 35.88 10.76
CA PHE C 355 19.91 35.51 12.16
C PHE C 355 19.27 34.12 12.25
N PRO C 356 20.06 33.05 12.36
CA PRO C 356 19.48 31.72 12.40
C PRO C 356 18.65 31.48 13.65
N GLN C 357 17.63 30.65 13.50
CA GLN C 357 16.76 30.28 14.61
C GLN C 357 16.52 28.78 14.56
N SER C 358 16.77 28.10 15.67
CA SER C 358 16.50 26.67 15.74
C SER C 358 15.00 26.44 15.64
N ALA C 359 14.64 25.37 14.93
CA ALA C 359 13.24 25.02 14.73
C ALA C 359 13.10 23.51 14.83
N PRO C 360 11.93 23.01 15.22
CA PRO C 360 11.74 21.55 15.31
C PRO C 360 11.77 20.92 13.93
N HIS C 361 12.81 20.12 13.67
CA HIS C 361 13.01 19.47 12.38
C HIS C 361 13.11 20.49 11.25
N GLY C 362 13.82 21.57 11.50
CA GLY C 362 13.97 22.61 10.50
C GLY C 362 14.84 23.74 11.02
N VAL C 363 15.01 24.75 10.16
CA VAL C 363 15.82 25.92 10.47
C VAL C 363 15.07 27.15 9.99
N VAL C 364 15.10 28.20 10.80
CA VAL C 364 14.47 29.48 10.47
C VAL C 364 15.57 30.53 10.37
N PHE C 365 15.61 31.24 9.25
CA PHE C 365 16.54 32.33 9.02
C PHE C 365 15.80 33.65 9.04
N LEU C 366 16.43 34.67 9.63
CA LEU C 366 15.89 36.03 9.64
C LEU C 366 16.88 36.91 8.87
N HIS C 367 16.68 37.00 7.56
CA HIS C 367 17.61 37.71 6.69
C HIS C 367 17.33 39.20 6.75
N VAL C 368 18.36 39.99 7.07
CA VAL C 368 18.27 41.44 7.13
C VAL C 368 18.76 41.97 5.79
N THR C 369 17.84 42.45 4.96
CA THR C 369 18.15 42.92 3.63
C THR C 369 18.00 44.43 3.53
N TYR C 370 18.72 45.00 2.56
CA TYR C 370 18.70 46.43 2.31
C TYR C 370 18.24 46.66 0.87
N VAL C 371 17.22 47.49 0.69
CA VAL C 371 16.67 47.73 -0.64
C VAL C 371 16.53 49.24 -0.87
N PRO C 372 16.67 49.71 -2.13
CA PRO C 372 16.49 51.11 -2.51
C PRO C 372 15.02 51.55 -2.43
C1 NAG D . 12.42 45.30 22.41
C2 NAG D . 11.62 45.39 23.72
C3 NAG D . 10.14 45.21 23.42
C4 NAG D . 9.68 46.18 22.35
C5 NAG D . 10.60 46.06 21.12
C6 NAG D . 10.26 47.01 20.01
C7 NAG D . 12.72 44.73 25.82
C8 NAG D . 13.11 43.54 26.68
N2 NAG D . 12.09 44.42 24.67
O3 NAG D . 9.43 45.38 24.63
O4 NAG D . 8.35 45.87 22.03
O5 NAG D . 11.94 46.28 21.52
O6 NAG D . 11.18 46.85 18.95
O7 NAG D . 12.97 45.87 26.17
#